data_6HUD
#
_entry.id   6HUD
#
_cell.length_a   1.000
_cell.length_b   1.000
_cell.length_c   1.000
_cell.angle_alpha   90.00
_cell.angle_beta   90.00
_cell.angle_gamma   90.00
#
_symmetry.space_group_name_H-M   'P 1'
#
_entity_poly.entity_id   1
_entity_poly.type   'polypeptide(L)'
_entity_poly.pdbx_seq_one_letter_code
;NFMLTQPHSVSESPGKTLTISCTGSSASIASHYVQWYQQRPGGAPTTLIYENDQRPSEVPDRFSGSIDSSSNSASLTISG
LKTEDEADYYCQSYDGNNHWVFGGGTKLTVLSQPKAAPSVTLFPPSSEELQANKAT
;
_entity_poly.pdbx_strand_id   A,B,C,D,E
#
# COMPACT_ATOMS: atom_id res chain seq x y z
N ASN A 1 -6.84 -0.03 4.06
CA ASN A 1 -5.49 -0.07 3.53
C ASN A 1 -5.28 0.93 2.40
N PHE A 2 -6.29 1.04 1.54
CA PHE A 2 -6.18 1.85 0.34
C PHE A 2 -6.82 3.19 0.64
N MET A 3 -6.04 4.26 0.50
CA MET A 3 -6.53 5.60 0.78
C MET A 3 -6.25 6.46 -0.44
N LEU A 4 -7.30 7.07 -1.01
CA LEU A 4 -7.11 7.87 -2.20
C LEU A 4 -7.99 9.11 -2.16
N THR A 5 -7.35 10.27 -2.23
CA THR A 5 -8.08 11.53 -2.21
C THR A 5 -7.71 12.39 -3.41
N GLN A 6 -8.71 13.00 -4.03
CA GLN A 6 -8.48 13.99 -5.09
C GLN A 6 -9.35 15.22 -4.86
N PRO A 7 -8.93 16.13 -3.98
CA PRO A 7 -9.82 17.25 -3.59
C PRO A 7 -10.05 18.30 -4.66
N HIS A 8 -9.17 18.49 -5.64
CA HIS A 8 -9.44 19.46 -6.70
C HIS A 8 -8.86 18.88 -7.99
N SER A 9 -9.74 18.35 -8.82
CA SER A 9 -9.28 17.61 -10.00
C SER A 9 -9.96 18.13 -11.25
N VAL A 10 -9.16 18.41 -12.27
CA VAL A 10 -9.65 18.68 -13.61
C VAL A 10 -9.05 17.60 -14.48
N SER A 11 -9.89 16.67 -14.94
CA SER A 11 -9.35 15.50 -15.60
C SER A 11 -10.08 15.20 -16.89
N GLU A 12 -9.31 14.97 -17.96
CA GLU A 12 -9.86 14.56 -19.24
C GLU A 12 -9.19 13.26 -19.66
N SER A 13 -10.00 12.23 -19.86
CA SER A 13 -9.47 10.90 -20.15
C SER A 13 -10.42 10.09 -21.01
N PRO A 14 -10.13 9.95 -22.29
CA PRO A 14 -10.87 8.98 -23.10
C PRO A 14 -10.44 7.55 -22.81
N GLY A 15 -11.03 6.97 -21.78
CA GLY A 15 -10.76 5.60 -21.42
C GLY A 15 -11.58 5.23 -20.21
N LYS A 16 -11.66 3.92 -19.97
CA LYS A 16 -12.34 3.41 -18.78
C LYS A 16 -11.48 3.74 -17.58
N THR A 17 -11.94 4.69 -16.75
CA THR A 17 -11.03 5.36 -15.82
C THR A 17 -10.69 4.49 -14.61
N LEU A 18 -11.67 4.22 -13.75
CA LEU A 18 -11.40 3.58 -12.47
C LEU A 18 -11.88 2.14 -12.55
N THR A 19 -10.95 1.23 -12.79
CA THR A 19 -11.26 -0.19 -12.83
C THR A 19 -10.67 -0.81 -11.57
N ILE A 20 -11.53 -1.12 -10.61
CA ILE A 20 -11.11 -1.44 -9.25
C ILE A 20 -11.55 -2.86 -8.93
N SER A 21 -10.59 -3.69 -8.53
CA SER A 21 -10.90 -5.10 -8.32
C SER A 21 -10.00 -5.67 -7.24
N CYS A 22 -10.50 -6.72 -6.57
CA CYS A 22 -9.75 -7.54 -5.59
C CYS A 22 -9.19 -6.69 -4.45
N THR A 23 -10.08 -6.12 -3.65
CA THR A 23 -9.60 -5.47 -2.45
C THR A 23 -9.51 -6.51 -1.33
N GLY A 24 -9.32 -6.07 -0.09
CA GLY A 24 -8.90 -7.02 0.91
C GLY A 24 -9.71 -7.22 2.16
N SER A 25 -8.99 -7.29 3.27
CA SER A 25 -9.58 -7.78 4.51
C SER A 25 -9.46 -6.74 5.62
N SER A 26 -10.50 -6.66 6.45
CA SER A 26 -10.51 -5.77 7.60
C SER A 26 -11.10 -6.50 8.79
N ALA A 27 -10.23 -6.87 9.73
CA ALA A 27 -10.64 -7.42 11.01
C ALA A 27 -10.35 -6.37 12.07
N SER A 28 -11.39 -5.73 12.58
CA SER A 28 -11.21 -4.53 13.38
C SER A 28 -12.01 -4.62 14.67
N ILE A 29 -11.54 -3.88 15.67
CA ILE A 29 -12.17 -3.80 16.98
C ILE A 29 -12.19 -2.34 17.39
N ALA A 30 -13.40 -1.77 17.52
CA ALA A 30 -13.63 -0.37 17.91
C ALA A 30 -12.92 0.59 16.97
N SER A 31 -12.93 0.28 15.70
CA SER A 31 -12.22 1.08 14.71
C SER A 31 -13.08 2.23 14.23
N HIS A 32 -12.43 3.26 13.71
CA HIS A 32 -13.09 4.50 13.31
C HIS A 32 -12.73 4.75 11.85
N TYR A 33 -13.64 4.49 10.93
CA TYR A 33 -13.39 4.71 9.51
C TYR A 33 -14.20 5.97 9.20
N VAL A 34 -13.52 7.11 9.17
CA VAL A 34 -14.17 8.40 9.38
C VAL A 34 -14.06 9.24 8.12
N GLN A 35 -15.19 9.76 7.64
CA GLN A 35 -15.17 10.69 6.51
C GLN A 35 -16.29 11.72 6.60
N TRP A 36 -15.91 12.98 6.49
CA TRP A 36 -16.99 13.95 6.42
C TRP A 36 -16.67 15.12 5.51
N TYR A 37 -17.73 15.88 5.23
CA TYR A 37 -17.67 17.11 4.46
C TYR A 37 -17.41 18.30 5.38
N SER A 66 -14.51 28.22 18.90
CA SER A 66 -13.83 26.99 19.31
C SER A 66 -14.40 25.78 18.59
N ILE A 67 -13.58 25.13 17.77
CA ILE A 67 -14.07 23.99 17.01
C ILE A 67 -13.36 22.72 17.46
N ASP A 68 -14.11 21.62 17.52
CA ASP A 68 -13.58 20.35 17.99
C ASP A 68 -14.17 19.21 17.17
N SER A 69 -13.31 18.55 16.41
CA SER A 69 -13.67 17.29 15.78
C SER A 69 -13.13 16.16 16.64
N SER A 70 -13.95 15.14 16.92
CA SER A 70 -13.55 14.16 17.93
C SER A 70 -14.05 12.76 17.58
N SER A 71 -13.09 11.85 17.40
CA SER A 71 -13.41 10.44 17.32
C SER A 71 -12.61 9.70 18.37
N ASN A 72 -13.30 9.03 19.31
CA ASN A 72 -12.68 8.63 20.56
C ASN A 72 -12.91 7.17 20.89
N SER A 73 -11.84 6.49 21.32
CA SER A 73 -11.94 5.13 21.83
C SER A 73 -11.37 5.05 23.23
N ALA A 74 -12.10 4.37 24.12
CA ALA A 74 -11.78 4.32 25.54
C ALA A 74 -10.91 3.11 25.87
N SER A 75 -10.79 2.82 27.16
CA SER A 75 -9.76 1.93 27.71
C SER A 75 -10.31 0.52 27.89
N LEU A 76 -10.10 -0.33 26.89
CA LEU A 76 -10.68 -1.66 26.87
C LEU A 76 -9.68 -2.72 27.31
N THR A 77 -10.20 -3.94 27.52
CA THR A 77 -9.37 -5.10 27.86
C THR A 77 -9.72 -6.27 26.96
N ILE A 78 -8.71 -6.91 26.38
CA ILE A 78 -8.92 -8.11 25.59
C ILE A 78 -8.02 -9.20 26.12
N SER A 79 -8.59 -10.40 26.36
CA SER A 79 -7.84 -11.43 27.06
C SER A 79 -7.12 -12.40 26.11
N GLY A 80 -7.85 -13.12 25.27
CA GLY A 80 -7.19 -14.12 24.45
C GLY A 80 -7.78 -14.31 23.07
N LEU A 81 -6.97 -14.10 22.05
CA LEU A 81 -7.47 -14.20 20.68
C LEU A 81 -6.68 -15.23 19.89
N LYS A 82 -7.39 -15.99 19.06
CA LYS A 82 -6.71 -16.92 18.18
C LYS A 82 -7.41 -16.93 16.83
N THR A 83 -6.66 -16.61 15.79
CA THR A 83 -7.25 -16.65 14.46
C THR A 83 -6.34 -17.36 13.47
N GLU A 84 -6.97 -18.11 12.57
CA GLU A 84 -6.27 -18.82 11.50
C GLU A 84 -7.00 -18.55 10.19
N ASP A 85 -6.27 -17.95 9.25
CA ASP A 85 -6.90 -17.46 8.03
C ASP A 85 -6.16 -17.92 6.80
N GLU A 86 -6.92 -18.24 5.75
CA GLU A 86 -6.38 -18.57 4.44
C GLU A 86 -7.09 -17.72 3.40
N ALA A 87 -6.37 -16.78 2.82
CA ALA A 87 -6.93 -15.86 1.85
C ALA A 87 -6.27 -16.07 0.50
N ASP A 88 -7.08 -16.27 -0.54
CA ASP A 88 -6.60 -16.45 -1.90
C ASP A 88 -7.38 -15.50 -2.79
N TYR A 89 -6.68 -14.56 -3.40
CA TYR A 89 -7.32 -13.58 -4.26
C TYR A 89 -6.91 -13.83 -5.71
N TYR A 90 -7.87 -13.70 -6.62
CA TYR A 90 -7.64 -13.98 -8.03
C TYR A 90 -8.30 -12.88 -8.85
N CYS A 91 -7.47 -12.07 -9.51
CA CYS A 91 -7.97 -11.13 -10.50
C CYS A 91 -7.18 -11.28 -11.78
N GLN A 92 -7.90 -11.53 -12.87
CA GLN A 92 -7.27 -11.77 -14.16
C GLN A 92 -7.88 -10.83 -15.19
N SER A 93 -7.02 -10.19 -15.97
CA SER A 93 -7.44 -9.19 -16.94
C SER A 93 -6.88 -9.56 -18.30
N TYR A 94 -7.73 -10.07 -19.20
CA TYR A 94 -7.29 -10.57 -20.50
C TYR A 94 -7.90 -9.66 -21.55
N ASP A 95 -7.06 -8.97 -22.31
CA ASP A 95 -7.62 -7.99 -23.23
C ASP A 95 -7.17 -8.19 -24.67
N GLY A 96 -7.53 -7.23 -25.52
CA GLY A 96 -7.19 -7.30 -26.93
C GLY A 96 -7.95 -8.39 -27.65
N ASN A 97 -7.22 -9.41 -28.11
CA ASN A 97 -7.81 -10.50 -28.85
C ASN A 97 -7.21 -11.79 -28.33
N ASN A 98 -8.05 -12.71 -27.88
CA ASN A 98 -7.58 -13.88 -27.17
C ASN A 98 -8.22 -15.13 -27.74
N HIS A 99 -7.48 -16.23 -27.66
CA HIS A 99 -7.84 -17.48 -28.33
C HIS A 99 -7.34 -18.64 -27.49
N TRP A 100 -8.29 -19.47 -27.01
CA TRP A 100 -8.02 -20.69 -26.24
C TRP A 100 -7.19 -20.41 -24.98
N VAL A 101 -7.48 -19.29 -24.32
CA VAL A 101 -6.68 -18.84 -23.18
C VAL A 101 -7.27 -19.43 -21.90
N PHE A 102 -6.42 -20.03 -21.07
CA PHE A 102 -6.87 -20.70 -19.86
C PHE A 102 -6.34 -19.97 -18.63
N GLY A 103 -7.24 -19.64 -17.72
CA GLY A 103 -6.86 -18.95 -16.50
C GLY A 103 -7.40 -19.56 -15.24
N GLY A 104 -6.55 -19.61 -14.21
CA GLY A 104 -7.02 -19.92 -12.87
C GLY A 104 -6.39 -21.11 -12.20
N GLY A 105 -7.21 -22.13 -11.95
CA GLY A 105 -6.77 -23.32 -11.23
C GLY A 105 -5.80 -24.21 -11.99
N ASN B 1 -1.98 0.79 4.02
CA ASN B 1 -0.63 0.74 3.50
C ASN B 1 -0.42 1.71 2.35
N PHE B 2 -1.41 1.79 1.47
CA PHE B 2 -1.30 2.55 0.24
C PHE B 2 -1.93 3.91 0.49
N MET B 3 -1.15 4.97 0.34
CA MET B 3 -1.64 6.33 0.58
C MET B 3 -1.36 7.15 -0.67
N LEU B 4 -2.38 7.74 -1.27
CA LEU B 4 -2.19 8.50 -2.49
C LEU B 4 -3.07 9.74 -2.48
N THR B 5 -2.43 10.90 -2.58
CA THR B 5 -3.15 12.17 -2.60
C THR B 5 -2.77 12.98 -3.82
N GLN B 6 -3.77 13.58 -4.47
CA GLN B 6 -3.54 14.53 -5.56
C GLN B 6 -4.40 15.78 -5.37
N PRO B 7 -3.98 16.71 -4.51
CA PRO B 7 -4.87 17.84 -4.18
C PRO B 7 -5.09 18.87 -5.27
N HIS B 8 -4.20 19.02 -6.24
CA HIS B 8 -4.46 19.94 -7.34
C HIS B 8 -3.88 19.33 -8.60
N SER B 9 -4.75 18.77 -9.43
CA SER B 9 -4.29 18.02 -10.57
C SER B 9 -4.95 18.49 -11.85
N VAL B 10 -4.15 18.75 -12.87
CA VAL B 10 -4.64 18.97 -14.22
C VAL B 10 -4.02 17.87 -15.07
N SER B 11 -4.86 16.92 -15.50
CA SER B 11 -4.31 15.73 -16.12
C SER B 11 -5.04 15.39 -17.40
N GLU B 12 -4.26 15.14 -18.46
CA GLU B 12 -4.80 14.69 -19.73
C GLU B 12 -4.14 13.37 -20.10
N SER B 13 -4.95 12.33 -20.28
CA SER B 13 -4.42 11.00 -20.52
C SER B 13 -5.36 10.16 -21.36
N PRO B 14 -5.07 9.99 -22.64
CA PRO B 14 -5.80 9.00 -23.43
C PRO B 14 -5.38 7.57 -23.10
N GLY B 15 -5.98 7.03 -22.05
CA GLY B 15 -5.72 5.66 -21.65
C GLY B 15 -6.55 5.33 -20.42
N LYS B 16 -6.64 4.04 -20.15
CA LYS B 16 -7.31 3.57 -18.96
C LYS B 16 -6.46 3.93 -17.75
N THR B 17 -6.93 4.90 -16.96
CA THR B 17 -6.03 5.58 -16.04
C THR B 17 -5.70 4.76 -14.81
N LEU B 18 -6.68 4.51 -13.95
CA LEU B 18 -6.43 3.92 -12.65
C LEU B 18 -6.90 2.48 -12.69
N THR B 19 -5.98 1.55 -12.90
CA THR B 19 -6.29 0.14 -12.89
C THR B 19 -5.70 -0.44 -11.61
N ILE B 20 -6.58 -0.72 -10.65
CA ILE B 20 -6.17 -1.00 -9.28
C ILE B 20 -6.61 -2.40 -8.92
N SER B 21 -5.67 -3.24 -8.48
CA SER B 21 -5.97 -4.63 -8.24
C SER B 21 -5.09 -5.18 -7.13
N CYS B 22 -5.59 -6.21 -6.44
CA CYS B 22 -4.86 -6.99 -5.43
C CYS B 22 -4.29 -6.11 -4.30
N THR B 23 -5.18 -5.51 -3.53
CA THR B 23 -4.71 -4.83 -2.34
C THR B 23 -4.64 -5.84 -1.20
N GLY B 24 -4.46 -5.36 0.03
CA GLY B 24 -4.04 -6.29 1.05
C GLY B 24 -4.86 -6.45 2.31
N SER B 25 -4.15 -6.48 3.43
CA SER B 25 -4.74 -6.93 4.68
C SER B 25 -4.63 -5.87 5.75
N SER B 26 -5.68 -5.76 6.58
CA SER B 26 -5.70 -4.83 7.70
C SER B 26 -6.30 -5.53 8.92
N ALA B 27 -5.44 -5.86 9.86
CA ALA B 27 -5.86 -6.38 11.16
C ALA B 27 -5.57 -5.30 12.18
N SER B 28 -6.62 -4.64 12.67
CA SER B 28 -6.43 -3.43 13.43
C SER B 28 -7.24 -3.47 14.72
N ILE B 29 -6.78 -2.70 15.70
CA ILE B 29 -7.42 -2.58 17.00
C ILE B 29 -7.44 -1.10 17.36
N ALA B 30 -8.65 -0.53 17.47
CA ALA B 30 -8.88 0.88 17.82
C ALA B 30 -8.16 1.82 16.86
N SER B 31 -8.16 1.46 15.59
CA SER B 31 -7.44 2.23 14.59
C SER B 31 -8.30 3.36 14.06
N HIS B 32 -7.63 4.38 13.53
CA HIS B 32 -8.29 5.61 13.08
C HIS B 32 -7.92 5.82 11.62
N TYR B 33 -8.83 5.53 10.71
CA TYR B 33 -8.57 5.71 9.28
C TYR B 33 -9.36 6.97 8.92
N VAL B 34 -8.69 8.11 8.87
CA VAL B 34 -9.34 9.39 9.03
C VAL B 34 -9.21 10.21 7.74
N GLN B 35 -10.35 10.71 7.24
CA GLN B 35 -10.32 11.60 6.08
C GLN B 35 -11.43 12.64 6.14
N TRP B 36 -11.04 13.90 5.99
CA TRP B 36 -12.11 14.87 5.88
C TRP B 36 -11.78 16.01 4.95
N TYR B 37 -12.84 16.76 4.63
CA TYR B 37 -12.78 17.97 3.83
C TYR B 37 -12.52 19.18 4.71
N SER B 66 -9.69 29.48 17.95
CA SER B 66 -9.02 28.27 18.40
C SER B 66 -9.58 27.04 17.71
N ILE B 67 -8.75 26.37 16.92
CA ILE B 67 -9.24 25.21 16.19
C ILE B 67 -8.54 23.95 16.68
N ASP B 68 -9.30 22.85 16.77
CA ASP B 68 -8.77 21.59 17.29
C ASP B 68 -9.36 20.44 16.50
N SER B 69 -8.49 19.75 15.77
CA SER B 69 -8.86 18.47 15.17
C SER B 69 -8.32 17.37 16.07
N SER B 70 -9.15 16.36 16.37
CA SER B 70 -8.75 15.40 17.41
C SER B 70 -9.25 14.01 17.10
N SER B 71 -8.30 13.08 16.96
CA SER B 71 -8.63 11.67 16.91
C SER B 71 -7.83 10.96 18.00
N ASN B 72 -8.53 10.31 18.94
CA ASN B 72 -7.92 9.95 20.20
C ASN B 72 -8.16 8.50 20.58
N SER B 73 -7.09 7.83 21.04
CA SER B 73 -7.19 6.49 21.59
C SER B 73 -6.63 6.45 22.99
N ALA B 74 -7.37 5.80 23.89
CA ALA B 74 -7.06 5.79 25.31
C ALA B 74 -6.20 4.59 25.69
N SER B 75 -6.08 4.33 26.99
CA SER B 75 -5.07 3.46 27.58
C SER B 75 -5.63 2.06 27.79
N LEU B 76 -5.40 1.18 26.82
CA LEU B 76 -6.00 -0.15 26.83
C LEU B 76 -4.99 -1.20 27.31
N THR B 77 -5.52 -2.41 27.56
CA THR B 77 -4.70 -3.55 27.94
C THR B 77 -5.05 -4.76 27.07
N ILE B 78 -4.04 -5.41 26.52
CA ILE B 78 -4.24 -6.64 25.76
C ILE B 78 -3.35 -7.72 26.34
N SER B 79 -3.92 -8.90 26.61
CA SER B 79 -3.18 -9.92 27.33
C SER B 79 -2.46 -10.91 26.42
N GLY B 80 -3.19 -11.67 25.60
CA GLY B 80 -2.52 -12.67 24.82
C GLY B 80 -3.10 -12.91 23.45
N LEU B 81 -2.29 -12.74 22.41
CA LEU B 81 -2.77 -12.87 21.05
C LEU B 81 -1.98 -13.93 20.30
N LYS B 82 -2.67 -14.70 19.48
CA LYS B 82 -2.00 -15.67 18.63
C LYS B 82 -2.70 -15.72 17.28
N THR B 83 -1.94 -15.43 16.24
CA THR B 83 -2.52 -15.50 14.90
C THR B 83 -1.60 -16.25 13.94
N GLU B 84 -2.23 -17.02 13.06
CA GLU B 84 -1.52 -17.76 12.02
C GLU B 84 -2.23 -17.54 10.69
N ASP B 85 -1.51 -16.97 9.74
CA ASP B 85 -2.12 -16.52 8.51
C ASP B 85 -1.38 -17.01 7.29
N GLU B 86 -2.13 -17.36 6.25
CA GLU B 86 -1.57 -17.73 4.96
C GLU B 86 -2.28 -16.92 3.89
N ALA B 87 -1.55 -15.99 3.28
CA ALA B 87 -2.11 -15.10 2.28
C ALA B 87 -1.43 -15.35 0.94
N ASP B 88 -2.24 -15.58 -0.09
CA ASP B 88 -1.75 -15.79 -1.45
C ASP B 88 -2.53 -14.87 -2.37
N TYR B 89 -1.81 -13.95 -3.00
CA TYR B 89 -2.44 -12.99 -3.90
C TYR B 89 -2.03 -13.29 -5.33
N TYR B 90 -2.98 -13.20 -6.25
CA TYR B 90 -2.74 -13.52 -7.65
C TYR B 90 -3.38 -12.44 -8.51
N CYS B 91 -2.55 -11.65 -9.19
CA CYS B 91 -3.04 -10.73 -10.20
C CYS B 91 -2.24 -10.93 -11.49
N GLN B 92 -2.96 -11.21 -12.57
CA GLN B 92 -2.33 -11.49 -13.85
C GLN B 92 -2.93 -10.58 -14.91
N SER B 93 -2.05 -9.96 -15.70
CA SER B 93 -2.48 -8.99 -16.72
C SER B 93 -1.90 -9.41 -18.05
N TYR B 94 -2.75 -9.93 -18.94
CA TYR B 94 -2.30 -10.47 -20.22
C TYR B 94 -2.90 -9.60 -21.30
N ASP B 95 -2.05 -8.94 -22.07
CA ASP B 95 -2.60 -7.98 -23.03
C ASP B 95 -2.14 -8.22 -24.46
N GLY B 96 -2.49 -7.29 -25.34
CA GLY B 96 -2.15 -7.40 -26.75
C GLY B 96 -2.89 -8.51 -27.44
N ASN B 97 -2.17 -9.54 -27.85
CA ASN B 97 -2.76 -10.66 -28.57
C ASN B 97 -2.16 -11.93 -28.01
N ASN B 98 -3.01 -12.83 -27.54
CA ASN B 98 -2.54 -13.99 -26.79
C ASN B 98 -3.19 -15.26 -27.32
N HIS B 99 -2.45 -16.35 -27.22
CA HIS B 99 -2.80 -17.62 -27.84
C HIS B 99 -2.33 -18.75 -26.97
N TRP B 100 -3.27 -19.56 -26.47
CA TRP B 100 -3.01 -20.76 -25.66
C TRP B 100 -2.19 -20.43 -24.40
N VAL B 101 -2.48 -19.30 -23.78
CA VAL B 101 -1.70 -18.82 -22.65
C VAL B 101 -2.28 -19.37 -21.36
N PHE B 102 -1.44 -19.95 -20.50
CA PHE B 102 -1.91 -20.58 -19.28
C PHE B 102 -1.39 -19.83 -18.07
N GLY B 103 -2.29 -19.47 -17.17
CA GLY B 103 -1.91 -18.73 -15.98
C GLY B 103 -2.47 -19.31 -14.70
N GLY B 104 -1.63 -19.32 -13.66
CA GLY B 104 -2.11 -19.59 -12.31
C GLY B 104 -1.48 -20.76 -11.60
N GLY B 105 -2.30 -21.78 -11.33
CA GLY B 105 -1.87 -22.94 -10.57
C GLY B 105 -0.91 -23.85 -11.29
N ASN C 1 2.83 1.52 4.03
CA ASN C 1 4.19 1.45 3.51
C ASN C 1 4.40 2.38 2.34
N PHE C 2 3.42 2.44 1.46
CA PHE C 2 3.53 3.18 0.22
C PHE C 2 2.90 4.54 0.43
N MET C 3 3.68 5.61 0.24
CA MET C 3 3.19 6.96 0.45
C MET C 3 3.49 7.76 -0.81
N LEU C 4 2.46 8.32 -1.42
CA LEU C 4 2.66 9.06 -2.67
C LEU C 4 1.78 10.30 -2.70
N THR C 5 2.42 11.47 -2.82
CA THR C 5 1.69 12.72 -2.87
C THR C 5 2.09 13.51 -4.11
N GLN C 6 1.09 14.08 -4.78
CA GLN C 6 1.33 15.01 -5.88
C GLN C 6 0.46 16.26 -5.73
N PRO C 7 0.88 17.23 -4.89
CA PRO C 7 -0.01 18.35 -4.59
C PRO C 7 -0.22 19.35 -5.71
N HIS C 8 0.66 19.49 -6.68
CA HIS C 8 0.41 20.39 -7.80
C HIS C 8 1.00 19.74 -9.05
N SER C 9 0.13 19.17 -9.87
CA SER C 9 0.61 18.38 -10.99
C SER C 9 -0.07 18.83 -12.27
N VAL C 10 0.75 19.06 -13.30
CA VAL C 10 0.27 19.25 -14.66
C VAL C 10 0.88 18.13 -15.47
N SER C 11 0.05 17.17 -15.89
CA SER C 11 0.60 15.95 -16.48
C SER C 11 -0.13 15.59 -17.75
N GLU C 12 0.66 15.31 -18.79
CA GLU C 12 0.13 14.83 -20.06
C GLU C 12 0.79 13.51 -20.40
N SER C 13 -0.02 12.46 -20.56
CA SER C 13 0.52 11.12 -20.76
C SER C 13 -0.43 10.27 -21.59
N PRO C 14 -0.12 10.05 -22.86
CA PRO C 14 -0.86 9.05 -23.63
C PRO C 14 -0.44 7.64 -23.26
N GLY C 15 -1.05 7.12 -22.21
CA GLY C 15 -0.78 5.76 -21.77
C GLY C 15 -1.61 5.46 -20.55
N LYS C 16 -1.71 4.17 -20.24
CA LYS C 16 -2.39 3.73 -19.03
C LYS C 16 -1.55 4.11 -17.83
N THR C 17 -2.02 5.11 -17.07
CA THR C 17 -1.11 5.82 -16.17
C THR C 17 -0.79 5.02 -14.90
N LEU C 18 -1.78 4.80 -14.04
CA LEU C 18 -1.53 4.23 -12.73
C LEU C 18 -2.01 2.79 -12.73
N THR C 19 -1.08 1.87 -12.92
CA THR C 19 -1.40 0.45 -12.88
C THR C 19 -0.82 -0.09 -11.59
N ILE C 20 -1.69 -0.35 -10.62
CA ILE C 20 -1.29 -0.60 -9.24
C ILE C 20 -1.74 -2.00 -8.85
N SER C 21 -0.80 -2.82 -8.39
CA SER C 21 -1.10 -4.22 -8.11
C SER C 21 -0.22 -4.72 -6.98
N CYS C 22 -0.73 -5.73 -6.27
CA CYS C 22 0.00 -6.49 -5.24
C CYS C 22 0.56 -5.58 -4.14
N THR C 23 -0.34 -4.97 -3.38
CA THR C 23 0.13 -4.26 -2.21
C THR C 23 0.21 -5.24 -1.04
N GLY C 24 0.37 -4.73 0.18
CA GLY C 24 0.79 -5.64 1.23
C GLY C 24 -0.05 -5.77 2.49
N SER C 25 0.67 -5.77 3.60
CA SER C 25 0.06 -6.20 4.86
C SER C 25 0.18 -5.10 5.91
N SER C 26 -0.87 -4.97 6.73
CA SER C 26 -0.90 -4.01 7.83
C SER C 26 -1.50 -4.69 9.06
N ALA C 27 -0.65 -5.00 10.02
CA ALA C 27 -1.08 -5.49 11.33
C ALA C 27 -0.79 -4.38 12.32
N SER C 28 -1.84 -3.71 12.79
CA SER C 28 -1.66 -2.48 13.53
C SER C 28 -2.47 -2.49 14.80
N ILE C 29 -2.01 -1.69 15.78
CA ILE C 29 -2.67 -1.54 17.06
C ILE C 29 -2.68 -0.05 17.39
N ALA C 30 -3.89 0.52 17.48
CA ALA C 30 -4.13 1.94 17.80
C ALA C 30 -3.40 2.85 16.81
N SER C 31 -3.39 2.46 15.55
CA SER C 31 -2.67 3.21 14.53
C SER C 31 -3.53 4.33 13.98
N HIS C 32 -2.86 5.34 13.43
CA HIS C 32 -3.51 6.55 12.94
C HIS C 32 -3.14 6.73 11.47
N TYR C 33 -4.04 6.42 10.57
CA TYR C 33 -3.78 6.56 9.14
C TYR C 33 -4.56 7.81 8.75
N VAL C 34 -3.88 8.94 8.66
CA VAL C 34 -4.54 10.24 8.79
C VAL C 34 -4.41 11.01 7.49
N GLN C 35 -5.54 11.50 6.96
CA GLN C 35 -5.50 12.37 5.79
C GLN C 35 -6.62 13.41 5.81
N TRP C 36 -6.22 14.66 5.64
CA TRP C 36 -7.31 15.63 5.51
C TRP C 36 -6.97 16.75 4.53
N TYR C 37 -8.03 17.48 4.20
CA TYR C 37 -7.95 18.68 3.38
C TYR C 37 -7.70 19.91 4.23
N SER C 66 -4.92 30.54 17.23
CA SER C 66 -4.26 29.33 17.70
C SER C 66 -4.82 28.09 17.05
N ILE C 67 -3.99 27.40 16.27
CA ILE C 67 -4.48 26.22 15.56
C ILE C 67 -3.77 24.98 16.10
N ASP C 68 -4.53 23.88 16.21
CA ASP C 68 -4.01 22.63 16.75
C ASP C 68 -4.59 21.46 16.00
N SER C 69 -3.72 20.75 15.27
CA SER C 69 -4.08 19.45 14.72
C SER C 69 -3.55 18.37 15.64
N SER C 70 -4.38 17.38 15.97
CA SER C 70 -4.00 16.45 17.03
C SER C 70 -4.49 15.04 16.75
N SER C 71 -3.55 14.12 16.63
CA SER C 71 -3.86 12.70 16.62
C SER C 71 -3.08 12.02 17.73
N ASN C 72 -3.78 11.40 18.68
CA ASN C 72 -3.18 11.06 19.96
C ASN C 72 -3.43 9.63 20.37
N SER C 73 -2.36 8.97 20.85
CA SER C 73 -2.45 7.64 21.42
C SER C 73 -1.91 7.64 22.84
N ALA C 74 -2.65 7.00 23.76
CA ALA C 74 -2.34 7.03 25.18
C ALA C 74 -1.47 5.83 25.58
N SER C 75 -1.38 5.62 26.89
CA SER C 75 -0.36 4.76 27.50
C SER C 75 -0.92 3.35 27.75
N LEU C 76 -0.69 2.46 26.80
CA LEU C 76 -1.28 1.13 26.84
C LEU C 76 -0.29 0.09 27.35
N THR C 77 -0.81 -1.11 27.62
CA THR C 77 0.01 -2.25 28.03
C THR C 77 -0.34 -3.47 27.20
N ILE C 78 0.68 -4.14 26.67
CA ILE C 78 0.47 -5.38 25.93
C ILE C 78 1.37 -6.46 26.53
N SER C 79 0.80 -7.62 26.84
CA SER C 79 1.53 -8.63 27.58
C SER C 79 2.26 -9.64 26.71
N GLY C 80 1.53 -10.42 25.90
CA GLY C 80 2.20 -11.45 25.15
C GLY C 80 1.62 -11.72 23.77
N LEU C 81 2.45 -11.56 22.74
CA LEU C 81 1.96 -11.73 21.38
C LEU C 81 2.76 -12.81 20.66
N LYS C 82 2.07 -13.60 19.86
CA LYS C 82 2.74 -14.59 19.04
C LYS C 82 2.06 -14.67 17.68
N THR C 83 2.82 -14.42 16.64
CA THR C 83 2.25 -14.51 15.30
C THR C 83 3.16 -15.28 14.37
N GLU C 84 2.54 -16.08 13.50
CA GLU C 84 3.25 -16.84 12.48
C GLU C 84 2.55 -16.65 11.14
N ASP C 85 3.28 -16.11 10.18
CA ASP C 85 2.67 -15.68 8.94
C ASP C 85 3.42 -16.21 7.73
N GLU C 86 2.66 -16.58 6.70
CA GLU C 86 3.23 -16.99 5.42
C GLU C 86 2.53 -16.19 4.33
N ALA C 87 3.27 -15.28 3.70
CA ALA C 87 2.71 -14.42 2.67
C ALA C 87 3.39 -14.69 1.34
N ASP C 88 2.58 -14.95 0.31
CA ASP C 88 3.08 -15.20 -1.03
C ASP C 88 2.32 -14.30 -1.99
N TYR C 89 3.04 -13.40 -2.64
CA TYR C 89 2.41 -12.46 -3.55
C TYR C 89 2.83 -12.79 -4.98
N TYR C 90 1.88 -12.72 -5.90
CA TYR C 90 2.13 -13.07 -7.30
C TYR C 90 1.48 -12.02 -8.18
N CYS C 91 2.32 -11.25 -8.87
CA CYS C 91 1.84 -10.36 -9.92
C CYS C 91 2.64 -10.57 -11.19
N GLN C 92 1.94 -10.89 -12.27
CA GLN C 92 2.56 -11.19 -13.54
C GLN C 92 1.98 -10.31 -14.62
N SER C 93 2.85 -9.72 -15.43
CA SER C 93 2.43 -8.77 -16.47
C SER C 93 3.02 -9.23 -17.79
N TYR C 94 2.18 -9.76 -18.67
CA TYR C 94 2.62 -10.33 -19.93
C TYR C 94 2.03 -9.49 -21.04
N ASP C 95 2.88 -8.84 -21.83
CA ASP C 95 2.35 -7.91 -22.81
C ASP C 95 2.80 -8.19 -24.23
N GLY C 96 2.46 -7.29 -25.13
CA GLY C 96 2.81 -7.42 -26.52
C GLY C 96 2.06 -8.55 -27.20
N ASN C 97 2.79 -9.60 -27.58
CA ASN C 97 2.20 -10.73 -28.28
C ASN C 97 2.80 -11.99 -27.69
N ASN C 98 1.95 -12.87 -27.20
CA ASN C 98 2.41 -14.01 -26.41
C ASN C 98 1.77 -15.30 -26.92
N HIS C 99 2.51 -16.38 -26.78
CA HIS C 99 2.15 -17.67 -27.38
C HIS C 99 2.63 -18.78 -26.48
N TRP C 100 1.68 -19.58 -25.96
CA TRP C 100 1.94 -20.75 -25.12
C TRP C 100 2.75 -20.40 -23.87
N VAL C 101 2.46 -19.25 -23.28
CA VAL C 101 3.24 -18.75 -22.15
C VAL C 101 2.64 -19.26 -20.86
N PHE C 102 3.49 -19.82 -19.98
CA PHE C 102 3.00 -20.42 -18.74
C PHE C 102 3.53 -19.64 -17.55
N GLY C 103 2.62 -19.25 -16.66
CA GLY C 103 2.99 -18.49 -15.49
C GLY C 103 2.43 -19.04 -14.19
N GLY C 104 3.27 -19.03 -13.15
CA GLY C 104 2.78 -19.26 -11.81
C GLY C 104 3.40 -20.42 -11.06
N GLY C 105 2.57 -21.43 -10.77
CA GLY C 105 3.01 -22.57 -9.98
C GLY C 105 3.98 -23.50 -10.67
N ASN D 1 7.72 2.39 3.80
CA ASN D 1 9.08 2.30 3.29
C ASN D 1 9.30 3.21 2.10
N PHE D 2 8.31 3.25 1.21
CA PHE D 2 8.44 3.96 -0.05
C PHE D 2 7.80 5.34 0.13
N MET D 3 8.59 6.38 -0.08
CA MET D 3 8.11 7.75 0.09
C MET D 3 8.40 8.50 -1.20
N LEU D 4 7.37 9.05 -1.83
CA LEU D 4 7.58 9.76 -3.08
C LEU D 4 6.70 11.01 -3.14
N THR D 5 7.35 12.17 -3.29
CA THR D 5 6.63 13.43 -3.39
C THR D 5 7.02 14.17 -4.65
N GLN D 6 6.03 14.74 -5.32
CA GLN D 6 6.27 15.64 -6.46
C GLN D 6 5.41 16.89 -6.34
N PRO D 7 5.82 17.87 -5.53
CA PRO D 7 4.94 19.02 -5.25
C PRO D 7 4.72 19.98 -6.40
N HIS D 8 5.62 20.09 -7.37
CA HIS D 8 5.37 20.96 -8.52
C HIS D 8 5.97 20.28 -9.74
N SER D 9 5.10 19.69 -10.55
CA SER D 9 5.58 18.87 -11.65
C SER D 9 4.91 19.29 -12.95
N VAL D 10 5.73 19.48 -13.98
CA VAL D 10 5.25 19.65 -15.34
C VAL D 10 5.86 18.50 -16.12
N SER D 11 5.03 17.54 -16.51
CA SER D 11 5.58 16.30 -17.07
C SER D 11 4.85 15.91 -18.34
N GLU D 12 5.64 15.60 -19.38
CA GLU D 12 5.11 15.09 -20.64
C GLU D 12 5.77 13.76 -20.93
N SER D 13 4.96 12.71 -21.06
CA SER D 13 5.50 11.36 -21.24
C SER D 13 4.55 10.50 -22.04
N PRO D 14 4.86 10.25 -23.31
CA PRO D 14 4.12 9.22 -24.06
C PRO D 14 4.54 7.82 -23.64
N GLY D 15 3.93 7.33 -22.58
CA GLY D 15 4.19 5.99 -22.11
C GLY D 15 3.35 5.72 -20.88
N LYS D 16 3.25 4.43 -20.54
CA LYS D 16 2.56 4.02 -19.32
C LYS D 16 3.40 4.44 -18.13
N THR D 17 2.94 5.45 -17.39
CA THR D 17 3.84 6.19 -16.51
C THR D 17 4.16 5.43 -15.23
N LEU D 18 3.16 5.22 -14.37
CA LEU D 18 3.41 4.69 -13.03
C LEU D 18 2.92 3.25 -13.00
N THR D 19 3.85 2.32 -13.17
CA THR D 19 3.54 0.90 -13.09
C THR D 19 4.11 0.39 -11.78
N ILE D 20 3.23 0.16 -10.80
CA ILE D 20 3.63 -0.06 -9.42
C ILE D 20 3.18 -1.44 -9.00
N SER D 21 4.11 -2.25 -8.51
CA SER D 21 3.80 -3.64 -8.20
C SER D 21 4.68 -4.12 -7.06
N CYS D 22 4.17 -5.11 -6.31
CA CYS D 22 4.90 -5.85 -5.27
C CYS D 22 5.46 -4.91 -4.19
N THR D 23 4.55 -4.28 -3.45
CA THR D 23 5.01 -3.53 -2.29
C THR D 23 5.08 -4.49 -1.10
N GLY D 24 5.25 -3.94 0.11
CA GLY D 24 5.66 -4.83 1.18
C GLY D 24 4.83 -4.92 2.44
N SER D 25 5.54 -4.90 3.56
CA SER D 25 4.93 -5.29 4.82
C SER D 25 5.04 -4.17 5.85
N SER D 26 3.98 -4.01 6.66
CA SER D 26 3.96 -3.03 7.73
C SER D 26 3.35 -3.67 8.97
N ALA D 27 4.20 -3.96 9.95
CA ALA D 27 3.77 -4.41 11.26
C ALA D 27 4.05 -3.28 12.24
N SER D 28 3.00 -2.60 12.68
CA SER D 28 3.18 -1.34 13.39
C SER D 28 2.37 -1.33 14.66
N ILE D 29 2.83 -0.51 15.61
CA ILE D 29 2.18 -0.31 16.90
C ILE D 29 2.16 1.18 17.18
N ALA D 30 0.95 1.75 17.26
CA ALA D 30 0.72 3.18 17.53
C ALA D 30 1.45 4.07 16.53
N SER D 31 1.46 3.66 15.27
CA SER D 31 2.19 4.37 14.25
C SER D 31 1.34 5.48 13.66
N HIS D 32 2.01 6.46 13.07
CA HIS D 32 1.36 7.67 12.56
C HIS D 32 1.74 7.81 11.10
N TYR D 33 0.83 7.47 10.19
CA TYR D 33 1.11 7.59 8.76
C TYR D 33 0.32 8.82 8.33
N VAL D 34 1.00 9.94 8.23
CA VAL D 34 0.35 11.25 8.31
C VAL D 34 0.49 11.99 7.00
N GLN D 35 -0.64 12.47 6.46
CA GLN D 35 -0.60 13.30 5.26
C GLN D 35 -1.71 14.35 5.25
N TRP D 36 -1.31 15.60 5.05
CA TRP D 36 -2.39 16.56 4.89
C TRP D 36 -2.05 17.65 3.89
N TYR D 37 -3.11 18.39 3.53
CA TYR D 37 -3.03 19.56 2.67
C TYR D 37 -2.77 20.82 3.50
N SER D 66 -0.02 31.76 16.23
CA SER D 66 0.65 30.57 16.74
C SER D 66 0.08 29.30 16.11
N ILE D 67 0.92 28.59 15.36
CA ILE D 67 0.43 27.40 14.68
C ILE D 67 1.13 26.17 15.24
N ASP D 68 0.37 25.08 15.39
CA ASP D 68 0.89 23.85 15.96
C ASP D 68 0.30 22.65 15.23
N SER D 69 1.17 21.92 14.53
CA SER D 69 0.80 20.62 14.00
C SER D 69 1.33 19.56 14.96
N SER D 70 0.50 18.57 15.31
CA SER D 70 0.88 17.67 16.39
C SER D 70 0.38 16.25 16.15
N SER D 71 1.34 15.33 16.06
CA SER D 71 1.01 13.91 16.07
C SER D 71 1.80 13.26 17.21
N ASN D 72 1.08 12.66 18.18
CA ASN D 72 1.68 12.36 19.47
C ASN D 72 1.43 10.93 19.91
N SER D 73 2.49 10.29 20.41
CA SER D 73 2.40 8.97 21.02
C SER D 73 2.94 9.00 22.44
N ALA D 74 2.19 8.40 23.37
CA ALA D 74 2.50 8.47 24.78
C ALA D 74 3.35 7.28 25.22
N SER D 75 3.46 7.09 26.53
CA SER D 75 4.46 6.24 27.17
C SER D 75 3.90 4.85 27.45
N LEU D 76 4.13 3.93 26.52
CA LEU D 76 3.54 2.60 26.61
C LEU D 76 4.53 1.57 27.14
N THR D 77 4.00 0.38 27.44
CA THR D 77 4.82 -0.75 27.89
C THR D 77 4.47 -1.99 27.09
N ILE D 78 5.48 -2.67 26.56
CA ILE D 78 5.28 -3.94 25.86
C ILE D 78 6.17 -4.99 26.50
N SER D 79 5.59 -6.16 26.82
CA SER D 79 6.32 -7.14 27.61
C SER D 79 7.04 -8.17 26.76
N GLY D 80 6.32 -8.97 25.97
CA GLY D 80 7.00 -10.03 25.24
C GLY D 80 6.42 -10.32 23.87
N LEU D 81 7.25 -10.20 22.85
CA LEU D 81 6.76 -10.40 21.48
C LEU D 81 7.56 -11.49 20.80
N LYS D 82 6.87 -12.31 20.01
CA LYS D 82 7.54 -13.33 19.22
C LYS D 82 6.86 -13.43 17.87
N THR D 83 7.63 -13.21 16.81
CA THR D 83 7.07 -13.34 15.48
C THR D 83 7.98 -14.14 14.57
N GLU D 84 7.36 -14.95 13.72
CA GLU D 84 8.07 -15.74 12.72
C GLU D 84 7.37 -15.59 11.38
N ASP D 85 8.11 -15.07 10.41
CA ASP D 85 7.50 -14.67 9.15
C ASP D 85 8.25 -15.23 7.96
N GLU D 86 7.51 -15.62 6.94
CA GLU D 86 8.07 -16.07 5.67
C GLU D 86 7.37 -15.30 4.55
N ALA D 87 8.11 -14.41 3.90
CA ALA D 87 7.56 -13.56 2.86
C ALA D 87 8.25 -13.88 1.54
N ASP D 88 7.45 -14.17 0.51
CA ASP D 88 7.95 -14.45 -0.82
C ASP D 88 7.19 -13.58 -1.81
N TYR D 89 7.91 -12.69 -2.48
CA TYR D 89 7.28 -11.78 -3.43
C TYR D 89 7.71 -12.14 -4.84
N TYR D 90 6.76 -12.09 -5.76
CA TYR D 90 7.01 -12.49 -7.15
C TYR D 90 6.38 -11.45 -8.07
N CYS D 91 7.21 -10.69 -8.77
CA CYS D 91 6.74 -9.83 -9.84
C CYS D 91 7.54 -10.09 -11.09
N GLN D 92 6.84 -10.43 -12.18
CA GLN D 92 7.48 -10.77 -13.43
C GLN D 92 6.89 -9.91 -14.55
N SER D 93 7.76 -9.34 -15.36
CA SER D 93 7.35 -8.41 -16.42
C SER D 93 7.94 -8.90 -17.74
N TYR D 94 7.09 -9.46 -18.60
CA TYR D 94 7.56 -10.07 -19.84
C TYR D 94 6.96 -9.25 -20.98
N ASP D 95 7.83 -8.63 -21.78
CA ASP D 95 7.28 -7.72 -22.78
C ASP D 95 7.74 -8.04 -24.19
N GLY D 96 7.41 -7.15 -25.12
CA GLY D 96 7.77 -7.32 -26.52
C GLY D 96 7.01 -8.47 -27.16
N ASN D 97 7.74 -9.52 -27.52
CA ASN D 97 7.16 -10.67 -28.19
C ASN D 97 7.75 -11.93 -27.56
N ASN D 98 6.89 -12.79 -27.05
CA ASN D 98 7.35 -13.91 -26.23
C ASN D 98 6.70 -15.20 -26.71
N HIS D 99 7.44 -16.29 -26.54
CA HIS D 99 7.08 -17.58 -27.10
C HIS D 99 7.56 -18.68 -26.17
N TRP D 100 6.60 -19.46 -25.64
CA TRP D 100 6.85 -20.61 -24.76
C TRP D 100 7.66 -20.23 -23.53
N VAL D 101 7.38 -19.07 -22.96
CA VAL D 101 8.16 -18.53 -21.85
C VAL D 101 7.55 -19.02 -20.54
N PHE D 102 8.39 -19.55 -19.65
CA PHE D 102 7.90 -20.12 -18.40
C PHE D 102 8.42 -19.30 -17.22
N GLY D 103 7.52 -18.90 -16.35
CA GLY D 103 7.89 -18.10 -15.19
C GLY D 103 7.32 -18.62 -13.89
N GLY D 104 8.15 -18.58 -12.85
CA GLY D 104 7.66 -18.78 -11.49
C GLY D 104 8.28 -19.93 -10.72
N GLY D 105 7.45 -20.92 -10.41
CA GLY D 105 7.89 -22.04 -9.58
C GLY D 105 8.85 -22.99 -10.25
N ASN E 1 12.55 3.13 3.89
CA ASN E 1 13.91 3.02 3.38
C ASN E 1 14.14 3.89 2.17
N PHE E 2 13.15 3.91 1.27
CA PHE E 2 13.29 4.57 -0.01
C PHE E 2 12.66 5.95 0.13
N MET E 3 13.44 7.00 -0.11
CA MET E 3 12.96 8.37 0.01
C MET E 3 13.27 9.08 -1.28
N LEU E 4 12.25 9.62 -1.94
CA LEU E 4 12.46 10.29 -3.21
C LEU E 4 11.58 11.53 -3.31
N THR E 5 12.24 12.68 -3.50
CA THR E 5 11.52 13.94 -3.63
C THR E 5 11.92 14.65 -4.90
N GLN E 6 10.94 15.20 -5.61
CA GLN E 6 11.19 16.07 -6.77
C GLN E 6 10.32 17.32 -6.68
N PRO E 7 10.73 18.32 -5.90
CA PRO E 7 9.86 19.48 -5.67
C PRO E 7 9.65 20.41 -6.85
N HIS E 8 10.55 20.49 -7.81
CA HIS E 8 10.32 21.32 -8.98
C HIS E 8 10.91 20.61 -10.19
N SER E 9 10.04 20.00 -10.98
CA SER E 9 10.52 19.15 -12.06
C SER E 9 9.87 19.52 -13.37
N VAL E 10 10.69 19.69 -14.40
CA VAL E 10 10.23 19.81 -15.77
C VAL E 10 10.84 18.65 -16.52
N SER E 11 10.01 17.67 -16.88
CA SER E 11 10.55 16.43 -17.39
C SER E 11 9.84 15.99 -18.66
N GLU E 12 10.63 15.65 -19.68
CA GLU E 12 10.10 15.11 -20.92
C GLU E 12 10.77 13.76 -21.18
N SER E 13 9.95 12.72 -21.29
CA SER E 13 10.49 11.36 -21.42
C SER E 13 9.54 10.48 -22.20
N PRO E 14 9.86 10.19 -23.46
CA PRO E 14 9.13 9.14 -24.18
C PRO E 14 9.54 7.75 -23.72
N GLY E 15 8.92 7.29 -22.64
CA GLY E 15 9.16 5.97 -22.14
C GLY E 15 8.33 5.73 -20.91
N LYS E 16 8.23 4.46 -20.53
CA LYS E 16 7.52 4.09 -19.31
C LYS E 16 8.36 4.54 -18.13
N THR E 17 7.89 5.57 -17.41
CA THR E 17 8.79 6.33 -16.55
C THR E 17 9.09 5.61 -15.25
N LEU E 18 8.10 5.43 -14.39
CA LEU E 18 8.34 4.93 -13.03
C LEU E 18 7.85 3.49 -12.96
N THR E 19 8.78 2.56 -13.10
CA THR E 19 8.45 1.15 -12.98
C THR E 19 9.02 0.67 -11.65
N ILE E 20 8.14 0.47 -10.68
CA ILE E 20 8.52 0.30 -9.29
C ILE E 20 8.07 -1.08 -8.82
N SER E 21 9.00 -1.87 -8.32
CA SER E 21 8.68 -3.25 -7.95
C SER E 21 9.55 -3.70 -6.80
N CYS E 22 9.04 -4.67 -6.04
CA CYS E 22 9.76 -5.37 -4.96
C CYS E 22 10.31 -4.41 -3.91
N THR E 23 9.41 -3.75 -3.19
CA THR E 23 9.87 -2.97 -2.05
C THR E 23 9.92 -3.89 -0.83
N GLY E 24 10.09 -3.32 0.36
CA GLY E 24 10.49 -4.17 1.46
C GLY E 24 9.65 -4.23 2.71
N SER E 25 10.35 -4.17 3.83
CA SER E 25 9.73 -4.52 5.11
C SER E 25 9.83 -3.37 6.10
N SER E 26 8.79 -3.20 6.90
CA SER E 26 8.75 -2.18 7.95
C SER E 26 8.13 -2.78 9.20
N ALA E 27 8.98 -3.04 10.19
CA ALA E 27 8.54 -3.46 11.52
C ALA E 27 8.82 -2.30 12.45
N SER E 28 7.77 -1.60 12.87
CA SER E 28 7.96 -0.33 13.54
C SER E 28 7.13 -0.26 14.82
N ILE E 29 7.59 0.57 15.74
CA ILE E 29 6.93 0.81 17.02
C ILE E 29 6.91 2.30 17.26
N ALA E 30 5.70 2.88 17.31
CA ALA E 30 5.48 4.32 17.54
C ALA E 30 6.21 5.18 16.53
N SER E 31 6.22 4.73 15.28
CA SER E 31 6.96 5.41 14.23
C SER E 31 6.11 6.50 13.61
N HIS E 32 6.79 7.47 13.00
CA HIS E 32 6.14 8.66 12.44
C HIS E 32 6.54 8.76 10.98
N TYR E 33 5.63 8.40 10.09
CA TYR E 33 5.92 8.47 8.65
C TYR E 33 5.14 9.69 8.19
N VAL E 34 5.82 10.82 8.05
CA VAL E 34 5.17 12.12 8.10
C VAL E 34 5.32 12.82 6.76
N GLN E 35 4.20 13.29 6.20
CA GLN E 35 4.25 14.09 4.98
C GLN E 35 3.13 15.13 4.93
N TRP E 36 3.54 16.38 4.69
CA TRP E 36 2.46 17.34 4.49
C TRP E 36 2.81 18.39 3.47
N TYR E 37 1.76 19.12 3.08
CA TYR E 37 1.84 20.27 2.20
C TYR E 37 2.10 21.55 2.98
N SER E 66 4.82 32.86 15.41
CA SER E 66 5.47 31.67 15.96
C SER E 66 4.90 30.40 15.36
N ILE E 67 5.75 29.66 14.64
CA ILE E 67 5.25 28.45 13.99
C ILE E 67 5.95 27.23 14.59
N ASP E 68 5.18 26.15 14.76
CA ASP E 68 5.70 24.93 15.38
C ASP E 68 5.11 23.72 14.67
N SER E 69 5.99 22.97 14.00
CA SER E 69 5.62 21.64 13.52
C SER E 69 6.14 20.61 14.50
N SER E 70 5.30 19.64 14.88
CA SER E 70 5.68 18.77 15.98
C SER E 70 5.18 17.34 15.78
N SER E 71 6.13 16.41 15.72
CA SER E 71 5.80 15.00 15.79
C SER E 71 6.57 14.38 16.94
N ASN E 72 5.85 13.82 17.91
CA ASN E 72 6.44 13.55 19.22
C ASN E 72 6.19 12.13 19.71
N SER E 73 7.25 11.50 20.22
CA SER E 73 7.14 10.21 20.87
C SER E 73 7.68 10.28 22.29
N ALA E 74 6.92 9.70 23.23
CA ALA E 74 7.22 9.80 24.64
C ALA E 74 8.08 8.63 25.13
N SER E 75 8.16 8.49 26.45
CA SER E 75 9.16 7.66 27.11
C SER E 75 8.60 6.28 27.43
N LEU E 76 8.83 5.32 26.54
CA LEU E 76 8.24 4.00 26.64
C LEU E 76 9.22 2.99 27.22
N THR E 77 8.69 1.80 27.54
CA THR E 77 9.51 0.68 28.03
C THR E 77 9.16 -0.58 27.27
N ILE E 78 10.18 -1.28 26.77
CA ILE E 78 9.97 -2.56 26.10
C ILE E 78 10.85 -3.60 26.78
N SER E 79 10.27 -4.76 27.13
CA SER E 79 10.99 -5.72 27.95
C SER E 79 11.72 -6.78 27.13
N GLY E 80 11.01 -7.59 26.37
CA GLY E 80 11.68 -8.67 25.67
C GLY E 80 11.10 -9.01 24.31
N LEU E 81 11.94 -8.92 23.28
CA LEU E 81 11.47 -9.16 21.92
C LEU E 81 12.26 -10.27 21.28
N LYS E 82 11.58 -11.11 20.51
CA LYS E 82 12.26 -12.14 19.74
C LYS E 82 11.58 -12.29 18.40
N THR E 83 12.35 -12.10 17.34
CA THR E 83 11.79 -12.26 16.01
C THR E 83 12.71 -13.09 15.12
N GLU E 84 12.10 -13.93 14.30
CA GLU E 84 12.81 -14.75 13.32
C GLU E 84 12.12 -14.62 11.98
N ASP E 85 12.86 -14.15 10.99
CA ASP E 85 12.26 -13.78 9.73
C ASP E 85 13.02 -14.38 8.56
N GLU E 86 12.28 -14.80 7.54
CA GLU E 86 12.85 -15.28 6.29
C GLU E 86 12.16 -14.54 5.15
N ALA E 87 12.91 -13.68 4.47
CA ALA E 87 12.37 -12.86 3.40
C ALA E 87 13.06 -13.22 2.10
N ASP E 88 12.26 -13.53 1.07
CA ASP E 88 12.76 -13.85 -0.25
C ASP E 88 12.01 -13.00 -1.27
N TYR E 89 12.74 -12.13 -1.96
CA TYR E 89 12.12 -11.25 -2.93
C TYR E 89 12.55 -11.67 -4.32
N TYR E 90 11.61 -11.64 -5.27
CA TYR E 90 11.87 -12.07 -6.63
C TYR E 90 11.24 -11.06 -7.58
N CYS E 91 12.08 -10.33 -8.30
CA CYS E 91 11.62 -9.49 -9.40
C CYS E 91 12.43 -9.79 -10.65
N GLN E 92 11.72 -10.15 -11.72
CA GLN E 92 12.37 -10.53 -12.97
C GLN E 92 11.79 -9.71 -14.09
N SER E 93 12.68 -9.16 -14.93
CA SER E 93 12.27 -8.27 -16.02
C SER E 93 12.87 -8.80 -17.32
N TYR E 94 12.02 -9.38 -18.17
CA TYR E 94 12.49 -10.02 -19.40
C TYR E 94 11.91 -9.24 -20.55
N ASP E 95 12.77 -8.64 -21.37
CA ASP E 95 12.24 -7.76 -22.39
C ASP E 95 12.71 -8.11 -23.80
N GLY E 96 12.38 -7.26 -24.75
CA GLY E 96 12.73 -7.48 -26.13
C GLY E 96 11.99 -8.63 -26.75
N ASN E 97 12.72 -9.70 -27.08
CA ASN E 97 12.14 -10.87 -27.71
C ASN E 97 12.72 -12.10 -27.04
N ASN E 98 11.86 -12.96 -26.52
CA ASN E 98 12.31 -14.05 -25.67
C ASN E 98 11.67 -15.35 -26.11
N HIS E 99 12.40 -16.44 -25.90
CA HIS E 99 12.04 -17.75 -26.43
C HIS E 99 12.51 -18.81 -25.46
N TRP E 100 11.55 -19.58 -24.92
CA TRP E 100 11.80 -20.71 -24.01
C TRP E 100 12.59 -20.29 -22.78
N VAL E 101 12.31 -19.11 -22.25
CA VAL E 101 13.08 -18.54 -21.15
C VAL E 101 12.46 -18.98 -19.83
N PHE E 102 13.30 -19.49 -18.92
CA PHE E 102 12.81 -20.03 -17.65
C PHE E 102 13.33 -19.18 -16.49
N GLY E 103 12.41 -18.74 -15.64
CA GLY E 103 12.77 -17.92 -14.50
C GLY E 103 12.20 -18.40 -13.19
N GLY E 104 13.04 -18.33 -12.15
CA GLY E 104 12.53 -18.49 -10.79
C GLY E 104 13.14 -19.61 -9.97
N GLY E 105 12.31 -20.60 -9.64
CA GLY E 105 12.73 -21.69 -8.78
C GLY E 105 13.70 -22.66 -9.43
#